data_3ASB
#
_entry.id   3ASB
#
_cell.length_a   110.486
_cell.length_b   110.486
_cell.length_c   204.242
_cell.angle_alpha   90.00
_cell.angle_beta   90.00
_cell.angle_gamma   90.00
#
_symmetry.space_group_name_H-M   'I 41 2 2'
#
loop_
_entity.id
_entity.type
_entity.pdbx_description
1 polymer 'LL-diaminopimelate aminotransferase'
2 water water
#
_entity_poly.entity_id   1
_entity_poly.type   'polypeptide(L)'
_entity_poly.pdbx_seq_one_letter_code
;MKRNPHFVSLTKNYLFADLQKRVAQFRLENPQHTVINLSIGDTTQPLNASVAEAFASSIARLSSPTTCRGYGPDFGLPAL
RQKLSEDFYRGFVDAKEIFISDGAKVDLFRLLSFFGPNQTVAIQDPSYPAYLDIARLTGAKEIIALPCLQENAFFPEFPE
DTHIDILCLCSPNNPTGTVLNKDQLRAIVHYAIEHEILILFDAAYSTFISDPSLPKSIFEIPDARFCAIEINSFS(LLP)
PLGFAGIRLGWTVIPQELTYADGHFVIQDWERFLSTTFNGASIPAQEAGVAGLSILPQLEAIHYYRENSDLLRKALLATG
FEVFGGEHAPYLWVKPTQANISDRDLFDFFLREYHIAITPGIGFGRSGSGFVRFSSLGKREDILAACERLQMAPALQSHH
HHHH
;
_entity_poly.pdbx_strand_id   A
#
# COMPACT_ATOMS: atom_id res chain seq x y z
N MET A 1 20.23 2.19 -31.02
CA MET A 1 19.42 1.96 -29.81
C MET A 1 18.65 3.23 -29.45
N LYS A 2 17.39 3.21 -29.81
CA LYS A 2 16.57 4.39 -29.56
C LYS A 2 16.05 4.27 -28.16
N ARG A 3 15.87 5.43 -27.54
CA ARG A 3 15.34 5.60 -26.21
C ARG A 3 13.94 4.97 -26.07
N ASN A 4 13.46 4.80 -24.83
CA ASN A 4 12.17 4.16 -24.63
C ASN A 4 10.98 5.10 -24.77
N PRO A 5 10.04 4.72 -25.64
CA PRO A 5 8.89 5.57 -25.84
C PRO A 5 8.14 5.61 -24.55
N HIS A 6 7.81 4.41 -24.03
CA HIS A 6 6.99 4.20 -22.81
C HIS A 6 7.59 4.98 -21.68
N PHE A 7 8.75 5.53 -21.95
CA PHE A 7 9.53 6.16 -20.94
C PHE A 7 9.25 7.64 -20.77
N VAL A 8 8.86 8.30 -21.83
CA VAL A 8 9.05 9.76 -21.94
C VAL A 8 7.97 10.67 -21.31
N SER A 9 7.43 10.28 -20.15
CA SER A 9 6.15 10.82 -19.66
C SER A 9 6.06 11.00 -18.12
N LEU A 10 7.20 11.31 -17.50
CA LEU A 10 7.39 10.98 -16.10
C LEU A 10 7.63 12.18 -15.16
N PHE A 16 8.40 15.24 -7.99
CA PHE A 16 8.16 14.85 -6.57
C PHE A 16 9.02 13.69 -6.13
N ALA A 17 9.65 13.76 -4.95
CA ALA A 17 9.60 14.89 -4.01
C ALA A 17 10.95 15.01 -3.24
N ASP A 18 11.74 16.08 -3.38
CA ASP A 18 11.39 17.33 -4.09
C ASP A 18 10.66 18.24 -3.10
N LEU A 19 9.58 17.73 -2.53
CA LEU A 19 8.90 18.41 -1.45
C LEU A 19 9.86 18.42 -0.28
N GLN A 20 10.77 17.45 -0.29
CA GLN A 20 11.67 17.24 0.84
C GLN A 20 12.87 18.15 0.75
N LYS A 21 13.48 18.26 -0.43
CA LYS A 21 14.49 19.29 -0.65
C LYS A 21 13.91 20.66 -0.19
N ARG A 22 12.77 21.06 -0.74
CA ARG A 22 12.29 22.42 -0.48
C ARG A 22 11.82 22.65 0.93
N VAL A 23 11.93 21.62 1.76
CA VAL A 23 11.57 21.77 3.14
C VAL A 23 12.83 22.04 3.96
N ALA A 24 13.93 21.40 3.55
CA ALA A 24 15.26 21.67 4.11
C ALA A 24 15.60 23.13 3.85
N GLN A 25 15.20 23.59 2.67
CA GLN A 25 15.13 25.01 2.35
C GLN A 25 14.56 25.83 3.51
N PHE A 26 13.28 25.65 3.81
CA PHE A 26 12.62 26.42 4.84
C PHE A 26 13.38 26.39 6.18
N ARG A 27 14.06 25.28 6.46
CA ARG A 27 14.85 25.13 7.69
C ARG A 27 16.15 25.94 7.62
N LEU A 28 16.83 25.87 6.47
CA LEU A 28 18.01 26.68 6.22
C LEU A 28 17.62 28.17 6.11
N GLU A 29 16.35 28.50 6.33
CA GLU A 29 15.87 29.88 6.23
C GLU A 29 14.99 30.30 7.41
N ASN A 30 14.60 29.36 8.28
CA ASN A 30 13.94 29.71 9.54
C ASN A 30 14.50 29.02 10.80
N PRO A 31 15.85 29.00 10.98
CA PRO A 31 16.52 28.12 11.95
C PRO A 31 16.02 28.13 13.42
N GLN A 32 15.13 29.04 13.80
CA GLN A 32 14.50 28.99 15.13
C GLN A 32 12.99 29.24 15.07
N VAL A 35 11.00 22.56 13.16
CA VAL A 35 9.94 22.04 12.24
C VAL A 35 9.70 20.51 12.25
N ILE A 36 8.55 20.12 12.78
CA ILE A 36 8.04 18.71 12.84
C ILE A 36 7.59 18.10 11.47
N ASN A 37 8.34 17.14 10.96
CA ASN A 37 8.08 16.62 9.62
C ASN A 37 7.12 15.42 9.54
N LEU A 38 5.88 15.70 9.15
CA LEU A 38 4.84 14.64 9.09
C LEU A 38 4.42 14.33 7.65
N SER A 39 5.40 14.28 6.77
CA SER A 39 5.19 14.11 5.37
C SER A 39 5.83 12.81 4.95
N ILE A 40 6.21 11.99 5.95
CA ILE A 40 7.18 10.90 5.77
C ILE A 40 7.39 9.99 7.03
N GLY A 41 8.32 9.00 6.97
CA GLY A 41 8.45 7.94 8.02
C GLY A 41 9.43 8.17 9.20
N PRO A 46 13.27 0.07 14.04
CA PRO A 46 14.20 -0.91 14.60
C PRO A 46 13.67 -2.35 14.44
N LEU A 47 14.54 -3.20 13.90
CA LEU A 47 14.22 -4.57 13.63
C LEU A 47 13.95 -5.32 14.90
N ASN A 48 12.80 -5.97 14.88
CA ASN A 48 12.23 -6.68 16.00
C ASN A 48 13.18 -7.74 16.56
N ALA A 49 13.17 -7.91 17.87
CA ALA A 49 14.06 -8.92 18.46
C ALA A 49 13.88 -10.40 17.97
N SER A 50 12.63 -10.89 17.86
CA SER A 50 12.44 -12.29 17.48
C SER A 50 12.82 -12.49 16.04
N VAL A 51 12.40 -11.53 15.21
CA VAL A 51 12.70 -11.54 13.78
C VAL A 51 14.21 -11.69 13.53
N ALA A 52 15.01 -10.86 14.21
CA ALA A 52 16.48 -10.88 14.02
C ALA A 52 17.14 -12.18 14.45
N GLU A 53 16.68 -12.71 15.58
CA GLU A 53 17.14 -13.99 16.06
C GLU A 53 16.89 -15.08 15.01
N ALA A 54 15.75 -15.00 14.32
CA ALA A 54 15.43 -15.98 13.28
C ALA A 54 16.35 -15.81 12.09
N PHE A 55 16.50 -14.55 11.66
CA PHE A 55 17.47 -14.19 10.66
C PHE A 55 18.80 -14.84 10.92
N ALA A 56 19.32 -14.61 12.12
CA ALA A 56 20.66 -15.07 12.42
C ALA A 56 20.72 -16.58 12.40
N SER A 57 19.75 -17.19 13.06
CA SER A 57 19.72 -18.62 13.07
C SER A 57 19.65 -19.13 11.65
N SER A 58 18.94 -18.41 10.78
CA SER A 58 18.93 -18.81 9.40
C SER A 58 20.35 -18.72 8.86
N ILE A 59 21.03 -17.60 9.13
CA ILE A 59 22.39 -17.49 8.63
C ILE A 59 23.30 -18.60 9.14
N ALA A 60 23.24 -18.88 10.44
CA ALA A 60 23.99 -20.01 10.99
C ALA A 60 23.70 -21.29 10.19
N ARG A 61 22.44 -21.66 10.07
CA ARG A 61 22.04 -22.80 9.23
C ARG A 61 22.80 -22.86 7.89
N LEU A 62 22.96 -21.70 7.22
CA LEU A 62 23.63 -21.64 5.89
C LEU A 62 25.13 -21.84 5.88
N SER A 63 25.80 -21.31 6.89
CA SER A 63 27.24 -21.51 7.04
C SER A 63 27.63 -22.86 7.63
N SER A 64 26.80 -23.88 7.44
CA SER A 64 27.12 -25.25 7.88
C SER A 64 26.72 -26.15 6.74
N PRO A 65 27.43 -27.28 6.56
CA PRO A 65 27.34 -28.03 5.28
C PRO A 65 26.00 -28.69 4.91
N THR A 66 25.53 -28.38 3.68
CA THR A 66 24.25 -28.75 2.98
C THR A 66 23.46 -27.51 2.51
N ASP A 74 11.59 -21.24 -8.12
CA ASP A 74 10.92 -21.65 -6.83
C ASP A 74 10.17 -20.44 -6.31
N PHE A 75 9.01 -20.66 -5.68
CA PHE A 75 8.00 -19.63 -5.35
C PHE A 75 7.89 -19.22 -3.88
N GLY A 76 8.73 -19.85 -3.03
CA GLY A 76 8.82 -19.42 -1.66
C GLY A 76 9.06 -20.54 -0.71
N LEU A 77 9.67 -20.22 0.43
CA LEU A 77 9.87 -21.21 1.47
C LEU A 77 8.45 -21.77 1.84
N PRO A 78 8.25 -23.10 1.64
CA PRO A 78 6.97 -23.79 2.01
C PRO A 78 6.45 -23.35 3.40
N ALA A 79 7.31 -23.37 4.41
CA ALA A 79 6.86 -22.88 5.72
C ALA A 79 6.28 -21.48 5.64
N LEU A 80 6.83 -20.62 4.77
CA LEU A 80 6.29 -19.27 4.76
C LEU A 80 4.97 -19.23 3.98
N ARG A 81 4.89 -19.95 2.86
CA ARG A 81 3.66 -20.00 2.07
C ARG A 81 2.50 -20.54 2.96
N GLN A 82 2.85 -21.50 3.80
CA GLN A 82 1.96 -22.07 4.77
C GLN A 82 1.48 -21.16 5.87
N LYS A 83 2.40 -20.63 6.62
CA LYS A 83 2.05 -19.71 7.67
C LYS A 83 1.25 -18.46 7.16
N LEU A 84 1.52 -18.04 5.93
CA LEU A 84 0.70 -17.00 5.34
C LEU A 84 -0.79 -17.40 5.20
N SER A 85 -1.01 -18.53 4.52
CA SER A 85 -2.29 -19.23 4.40
C SER A 85 -3.09 -19.24 5.67
N GLU A 86 -2.45 -19.81 6.66
CA GLU A 86 -3.07 -20.15 7.87
C GLU A 86 -3.13 -18.96 8.78
N ASP A 87 -2.00 -18.33 9.15
CA ASP A 87 -2.12 -17.15 10.06
C ASP A 87 -2.49 -15.86 9.42
N PHE A 88 -1.94 -15.57 8.25
CA PHE A 88 -2.09 -14.22 7.76
C PHE A 88 -3.44 -14.15 7.06
N TYR A 89 -3.68 -15.04 6.07
CA TYR A 89 -4.94 -15.08 5.36
C TYR A 89 -6.11 -15.85 6.09
N ARG A 90 -5.83 -16.36 7.29
CA ARG A 90 -6.84 -17.02 8.12
C ARG A 90 -7.62 -18.15 7.39
N GLY A 91 -6.92 -18.82 6.48
CA GLY A 91 -7.34 -19.96 5.80
C GLY A 91 -7.96 -19.56 4.48
N PHE A 92 -8.19 -18.28 4.23
CA PHE A 92 -8.89 -17.90 2.97
C PHE A 92 -8.09 -18.10 1.68
N VAL A 93 -6.81 -18.43 1.82
CA VAL A 93 -5.98 -18.40 0.66
C VAL A 93 -5.21 -19.64 0.84
N ASP A 94 -4.93 -20.31 -0.25
CA ASP A 94 -4.09 -21.48 -0.20
C ASP A 94 -2.54 -21.24 -0.35
N ALA A 95 -1.75 -22.05 0.32
CA ALA A 95 -0.32 -21.93 0.16
C ALA A 95 0.13 -21.91 -1.31
N LYS A 96 -0.43 -22.77 -2.14
CA LYS A 96 -0.05 -22.82 -3.54
C LYS A 96 -0.53 -21.58 -4.28
N GLU A 97 -1.43 -20.79 -3.73
CA GLU A 97 -1.79 -19.54 -4.45
C GLU A 97 -0.83 -18.33 -4.15
N ILE A 98 0.21 -18.58 -3.33
CA ILE A 98 1.02 -17.52 -2.69
C ILE A 98 2.47 -17.51 -3.18
N PHE A 99 2.88 -16.38 -3.73
CA PHE A 99 4.22 -16.33 -4.37
C PHE A 99 5.09 -15.34 -3.63
N ILE A 100 6.22 -15.82 -3.12
CA ILE A 100 7.09 -14.90 -2.35
C ILE A 100 8.04 -14.19 -3.28
N SER A 101 8.14 -12.88 -3.11
CA SER A 101 9.07 -12.04 -3.89
C SER A 101 9.82 -11.09 -2.95
N ASP A 102 10.61 -10.19 -3.51
CA ASP A 102 11.27 -9.24 -2.64
C ASP A 102 10.63 -7.90 -2.35
N GLY A 103 9.38 -7.70 -2.73
CA GLY A 103 8.65 -6.60 -2.15
C GLY A 103 7.45 -6.33 -2.98
N ALA A 104 6.46 -5.66 -2.38
CA ALA A 104 5.21 -5.28 -3.06
C ALA A 104 5.37 -4.46 -4.34
N LYS A 105 6.35 -3.55 -4.36
CA LYS A 105 6.52 -2.65 -5.49
C LYS A 105 7.07 -3.40 -6.68
N VAL A 106 8.13 -4.15 -6.48
CA VAL A 106 8.66 -4.94 -7.58
C VAL A 106 7.55 -5.86 -8.08
N ASP A 107 6.65 -6.27 -7.19
CA ASP A 107 5.63 -7.21 -7.60
C ASP A 107 4.66 -6.50 -8.48
N LEU A 108 4.31 -5.27 -8.07
CA LEU A 108 3.40 -4.51 -8.89
C LEU A 108 4.04 -4.29 -10.26
N PHE A 109 5.34 -4.05 -10.27
CA PHE A 109 5.96 -3.89 -11.55
C PHE A 109 5.92 -5.21 -12.35
N ARG A 110 6.37 -6.30 -11.77
CA ARG A 110 6.28 -7.61 -12.45
C ARG A 110 4.87 -7.99 -12.95
N LEU A 111 3.84 -7.73 -12.12
CA LEU A 111 2.42 -7.89 -12.52
C LEU A 111 2.03 -7.17 -13.79
N LEU A 112 2.11 -5.83 -13.75
CA LEU A 112 1.67 -4.98 -14.88
C LEU A 112 2.53 -5.26 -16.05
N SER A 113 3.73 -5.70 -15.76
CA SER A 113 4.62 -6.00 -16.81
C SER A 113 4.09 -7.28 -17.49
N PHE A 114 4.07 -8.40 -16.75
CA PHE A 114 3.29 -9.60 -17.05
C PHE A 114 1.92 -9.40 -17.83
N PHE A 115 1.05 -8.44 -17.49
CA PHE A 115 -0.17 -8.40 -18.33
C PHE A 115 -0.01 -7.87 -19.75
N GLY A 116 1.18 -7.31 -20.05
CA GLY A 116 1.52 -6.76 -21.38
C GLY A 116 1.10 -5.32 -21.55
N PRO A 117 1.57 -4.65 -22.64
CA PRO A 117 1.17 -3.23 -22.77
C PRO A 117 -0.23 -3.05 -23.39
N ASN A 118 -0.67 -1.80 -23.53
CA ASN A 118 -1.97 -1.42 -24.11
C ASN A 118 -3.20 -1.67 -23.28
N GLN A 119 -3.00 -1.94 -22.01
CA GLN A 119 -4.08 -2.06 -21.10
C GLN A 119 -4.59 -0.71 -20.81
N THR A 120 -5.87 -0.59 -20.51
CA THR A 120 -6.26 0.68 -20.00
C THR A 120 -6.51 0.43 -18.53
N VAL A 121 -5.95 1.27 -17.68
CA VAL A 121 -5.92 0.92 -16.28
C VAL A 121 -6.42 2.02 -15.45
N ALA A 122 -7.38 1.71 -14.58
CA ALA A 122 -8.00 2.69 -13.71
C ALA A 122 -7.36 2.65 -12.28
N ILE A 123 -7.23 3.81 -11.63
CA ILE A 123 -6.61 3.85 -10.31
C ILE A 123 -7.39 4.85 -9.46
N GLN A 124 -7.36 4.70 -8.14
CA GLN A 124 -8.07 5.63 -7.25
C GLN A 124 -7.43 6.99 -7.35
N ASP A 125 -8.26 8.03 -7.32
CA ASP A 125 -7.78 9.39 -7.19
C ASP A 125 -8.41 9.96 -5.97
N PRO A 126 -7.62 10.39 -4.96
CA PRO A 126 -6.15 10.48 -4.90
C PRO A 126 -5.39 9.17 -5.05
N SER A 127 -4.27 9.25 -5.79
CA SER A 127 -3.42 8.13 -6.19
C SER A 127 -2.11 8.02 -5.41
N TYR A 128 -1.77 6.82 -4.98
CA TYR A 128 -0.42 6.51 -4.67
C TYR A 128 0.36 6.44 -5.97
N PRO A 129 1.34 7.35 -6.12
CA PRO A 129 1.86 7.72 -7.43
C PRO A 129 2.71 6.68 -8.10
N ALA A 130 3.20 5.71 -7.34
CA ALA A 130 3.92 4.62 -8.01
C ALA A 130 3.04 3.80 -8.99
N TYR A 131 1.75 3.74 -8.73
CA TYR A 131 0.88 3.07 -9.65
C TYR A 131 0.96 3.77 -11.01
N LEU A 132 0.71 5.08 -11.04
CA LEU A 132 0.76 5.81 -12.31
C LEU A 132 2.04 5.54 -13.10
N ASP A 133 3.17 5.69 -12.42
CA ASP A 133 4.42 5.48 -13.14
C ASP A 133 4.52 4.14 -13.73
N ILE A 134 4.29 3.11 -12.90
CA ILE A 134 4.47 1.74 -13.37
C ILE A 134 3.47 1.42 -14.47
N ALA A 135 2.26 1.94 -14.33
CA ALA A 135 1.34 1.84 -15.45
C ALA A 135 1.94 2.45 -16.71
N ARG A 136 2.30 3.74 -16.65
CA ARG A 136 2.98 4.43 -17.80
C ARG A 136 4.17 3.60 -18.32
N LEU A 137 5.06 3.23 -17.41
CA LEU A 137 6.23 2.44 -17.79
C LEU A 137 5.95 1.11 -18.45
N THR A 138 4.88 0.42 -18.01
CA THR A 138 4.61 -0.90 -18.52
C THR A 138 3.74 -0.86 -19.76
N GLY A 139 3.28 0.30 -20.18
CA GLY A 139 2.71 0.41 -21.53
C GLY A 139 1.27 0.86 -21.64
N ALA A 140 0.69 1.32 -20.55
CA ALA A 140 -0.74 1.51 -20.53
C ALA A 140 -1.19 2.34 -21.74
N LYS A 141 -2.35 2.01 -22.32
CA LYS A 141 -2.95 2.81 -23.36
C LYS A 141 -3.52 4.05 -22.78
N GLU A 142 -4.22 3.94 -21.66
CA GLU A 142 -4.78 5.14 -21.01
C GLU A 142 -4.72 4.93 -19.52
N ILE A 143 -4.95 5.95 -18.69
CA ILE A 143 -5.00 5.77 -17.25
C ILE A 143 -6.17 6.55 -16.74
N ILE A 144 -7.08 5.90 -16.02
CA ILE A 144 -8.34 6.52 -15.67
C ILE A 144 -8.40 6.76 -14.18
N ALA A 145 -8.57 8.00 -13.78
CA ALA A 145 -8.53 8.27 -12.36
C ALA A 145 -9.91 8.07 -11.92
N LEU A 146 -10.06 7.41 -10.78
CA LEU A 146 -11.34 7.12 -10.24
C LEU A 146 -11.45 7.98 -9.04
N PRO A 147 -12.20 9.07 -9.16
CA PRO A 147 -12.32 9.93 -7.99
C PRO A 147 -12.86 9.22 -6.75
N CYS A 148 -12.21 9.41 -5.62
CA CYS A 148 -12.72 8.89 -4.35
C CYS A 148 -12.86 10.03 -3.35
N LEU A 149 -14.08 10.30 -2.89
CA LEU A 149 -14.37 11.49 -2.13
C LEU A 149 -15.27 11.14 -0.99
N GLN A 150 -15.10 11.83 0.14
CA GLN A 150 -15.88 11.52 1.33
C GLN A 150 -17.40 11.68 1.22
N GLU A 151 -17.89 12.36 0.20
CA GLU A 151 -19.34 12.48 0.05
C GLU A 151 -19.82 11.08 -0.29
N ASN A 152 -19.00 10.39 -1.09
CA ASN A 152 -19.34 9.08 -1.54
C ASN A 152 -18.77 7.98 -0.66
N ALA A 153 -18.42 8.35 0.56
CA ALA A 153 -17.74 7.45 1.49
C ALA A 153 -16.44 6.86 0.88
N PHE A 154 -15.92 7.56 -0.15
CA PHE A 154 -14.66 7.20 -0.82
C PHE A 154 -14.80 6.04 -1.73
N PHE A 155 -16.04 5.65 -2.00
CA PHE A 155 -16.27 4.68 -3.05
C PHE A 155 -15.84 5.30 -4.36
N PRO A 156 -14.92 4.70 -5.07
CA PRO A 156 -14.51 5.26 -6.36
C PRO A 156 -15.66 5.40 -7.36
N GLU A 157 -15.59 6.41 -8.20
CA GLU A 157 -16.66 6.78 -9.13
C GLU A 157 -16.26 6.30 -10.49
N PHE A 158 -16.97 5.31 -11.03
CA PHE A 158 -16.58 4.68 -12.33
C PHE A 158 -17.09 5.44 -13.53
N PRO A 159 -16.34 5.45 -14.63
CA PRO A 159 -16.91 6.16 -15.75
C PRO A 159 -17.91 5.28 -16.47
N GLU A 160 -19.11 5.78 -16.61
CA GLU A 160 -19.94 5.32 -17.70
C GLU A 160 -19.44 6.13 -18.89
N ASP A 161 -19.12 5.45 -19.97
CA ASP A 161 -18.89 4.05 -19.93
C ASP A 161 -17.66 3.88 -20.80
N THR A 162 -16.59 3.44 -20.14
CA THR A 162 -15.27 3.37 -20.73
C THR A 162 -14.72 2.02 -20.35
N HIS A 163 -14.26 1.31 -21.35
CA HIS A 163 -13.69 0.05 -21.12
C HIS A 163 -12.45 0.23 -20.22
N ILE A 164 -12.40 -0.42 -19.08
CA ILE A 164 -11.17 -0.48 -18.31
C ILE A 164 -10.71 -1.96 -18.26
N ASP A 165 -9.40 -2.21 -18.28
CA ASP A 165 -8.86 -3.57 -18.27
C ASP A 165 -8.40 -4.04 -16.89
N ILE A 166 -7.85 -3.11 -16.08
CA ILE A 166 -7.18 -3.44 -14.82
C ILE A 166 -7.61 -2.41 -13.85
N LEU A 167 -7.85 -2.78 -12.62
CA LEU A 167 -8.19 -1.74 -11.67
C LEU A 167 -7.28 -1.93 -10.46
N CYS A 168 -6.55 -0.88 -10.11
CA CYS A 168 -5.62 -0.93 -8.99
C CYS A 168 -6.32 -0.44 -7.76
N LEU A 169 -6.20 -1.16 -6.66
CA LEU A 169 -6.86 -0.69 -5.49
C LEU A 169 -5.86 -0.73 -4.41
N CYS A 170 -6.09 0.12 -3.45
CA CYS A 170 -5.16 0.32 -2.45
C CYS A 170 -6.00 0.47 -1.23
N SER A 171 -6.02 -0.56 -0.42
CA SER A 171 -6.95 -0.58 0.71
C SER A 171 -6.34 -1.45 1.80
N PRO A 172 -6.13 -0.93 3.02
CA PRO A 172 -6.32 0.49 3.40
C PRO A 172 -5.60 1.46 2.45
N ASN A 173 -6.12 2.67 2.31
CA ASN A 173 -5.67 3.58 1.26
C ASN A 173 -4.53 4.56 1.63
N ASN A 174 -3.53 4.63 0.77
CA ASN A 174 -2.58 5.74 0.75
C ASN A 174 -2.93 6.58 -0.49
N PRO A 175 -3.46 7.79 -0.29
CA PRO A 175 -3.30 8.65 0.90
C PRO A 175 -4.46 8.89 1.85
N THR A 176 -5.68 8.48 1.52
CA THR A 176 -6.82 8.80 2.42
C THR A 176 -6.78 8.12 3.80
N GLY A 177 -5.99 7.04 3.92
CA GLY A 177 -5.95 6.27 5.17
C GLY A 177 -7.28 5.60 5.42
N THR A 178 -7.97 5.33 4.32
CA THR A 178 -9.36 4.89 4.27
C THR A 178 -9.47 3.36 3.99
N VAL A 179 -10.53 2.68 4.42
CA VAL A 179 -10.62 1.24 4.03
C VAL A 179 -11.88 0.97 3.27
N LEU A 180 -11.82 0.43 2.06
CA LEU A 180 -13.02 -0.09 1.42
C LEU A 180 -13.56 -1.24 2.30
N ASN A 181 -14.81 -1.14 2.74
CA ASN A 181 -15.37 -2.21 3.55
C ASN A 181 -16.05 -3.30 2.70
N LYS A 182 -16.60 -4.29 3.39
CA LYS A 182 -17.15 -5.52 2.82
C LYS A 182 -18.14 -5.20 1.70
N ASP A 183 -19.09 -4.35 2.05
CA ASP A 183 -20.14 -4.00 1.13
C ASP A 183 -19.56 -3.30 -0.07
N GLN A 184 -18.64 -2.39 0.19
CA GLN A 184 -17.96 -1.69 -0.90
C GLN A 184 -17.18 -2.62 -1.82
N LEU A 185 -16.41 -3.55 -1.27
CA LEU A 185 -15.66 -4.43 -2.15
C LEU A 185 -16.54 -5.38 -2.95
N ARG A 186 -17.57 -5.92 -2.31
CA ARG A 186 -18.59 -6.74 -3.00
C ARG A 186 -19.11 -5.97 -4.24
N ALA A 187 -19.42 -4.67 -4.05
CA ALA A 187 -19.87 -3.86 -5.18
C ALA A 187 -18.81 -3.80 -6.29
N ILE A 188 -17.56 -3.58 -5.89
CA ILE A 188 -16.48 -3.38 -6.85
C ILE A 188 -16.27 -4.71 -7.55
N VAL A 189 -16.35 -5.83 -6.82
CA VAL A 189 -16.11 -7.12 -7.43
C VAL A 189 -17.22 -7.42 -8.40
N HIS A 190 -18.47 -7.21 -7.99
CA HIS A 190 -19.56 -7.39 -8.96
C HIS A 190 -19.36 -6.49 -10.20
N TYR A 191 -19.09 -5.21 -9.99
CA TYR A 191 -18.78 -4.38 -11.12
C TYR A 191 -17.63 -4.96 -11.94
N ALA A 192 -16.57 -5.43 -11.29
CA ALA A 192 -15.45 -5.98 -12.02
C ALA A 192 -15.77 -7.18 -12.94
N ILE A 193 -16.43 -8.22 -12.39
CA ILE A 193 -16.84 -9.43 -13.14
C ILE A 193 -17.83 -9.03 -14.24
N GLU A 194 -18.77 -8.19 -13.88
CA GLU A 194 -19.67 -7.60 -14.88
C GLU A 194 -18.94 -6.99 -16.10
N HIS A 195 -17.86 -6.23 -15.92
CA HIS A 195 -17.19 -5.64 -17.10
C HIS A 195 -15.89 -6.26 -17.36
N GLU A 196 -15.64 -7.44 -16.83
CA GLU A 196 -14.42 -8.15 -17.20
C GLU A 196 -13.14 -7.37 -16.91
N ILE A 197 -13.13 -6.73 -15.74
CA ILE A 197 -11.97 -6.03 -15.20
C ILE A 197 -11.11 -6.88 -14.22
N LEU A 198 -9.81 -7.01 -14.49
CA LEU A 198 -8.91 -7.63 -13.55
C LEU A 198 -8.63 -6.60 -12.45
N ILE A 199 -8.67 -7.03 -11.18
CA ILE A 199 -8.45 -6.11 -10.06
C ILE A 199 -7.18 -6.48 -9.37
N LEU A 200 -6.40 -5.45 -9.11
CA LEU A 200 -5.08 -5.61 -8.48
C LEU A 200 -5.30 -4.98 -7.14
N PHE A 201 -5.03 -5.71 -6.08
CA PHE A 201 -5.55 -5.21 -4.81
C PHE A 201 -4.39 -5.13 -3.88
N ASP A 202 -4.05 -3.92 -3.47
CA ASP A 202 -2.84 -3.73 -2.67
C ASP A 202 -3.17 -3.57 -1.21
N ALA A 203 -2.75 -4.54 -0.41
CA ALA A 203 -3.23 -4.53 0.95
C ALA A 203 -2.07 -4.40 1.93
N ALA A 204 -0.96 -3.84 1.42
CA ALA A 204 0.25 -3.64 2.24
C ALA A 204 0.03 -3.00 3.63
N TYR A 205 -1.03 -2.21 3.78
CA TYR A 205 -1.38 -1.62 5.08
C TYR A 205 -2.39 -2.42 5.87
N SER A 206 -2.74 -3.63 5.43
CA SER A 206 -3.85 -4.39 6.06
C SER A 206 -3.66 -4.62 7.53
N THR A 207 -2.45 -4.96 7.93
CA THR A 207 -2.09 -5.11 9.33
C THR A 207 -2.45 -3.97 10.24
N PHE A 208 -2.72 -2.79 9.68
CA PHE A 208 -3.05 -1.65 10.53
C PHE A 208 -4.49 -1.60 10.82
N ILE A 209 -5.29 -2.46 10.16
CA ILE A 209 -6.72 -2.49 10.43
C ILE A 209 -6.89 -2.85 11.90
N SER A 210 -7.74 -2.10 12.59
CA SER A 210 -7.98 -2.33 14.05
C SER A 210 -9.46 -2.63 14.40
N ASP A 211 -10.33 -2.64 13.39
CA ASP A 211 -11.72 -3.03 13.53
C ASP A 211 -11.84 -4.42 12.88
N PRO A 212 -12.03 -5.47 13.68
CA PRO A 212 -11.92 -6.86 13.22
C PRO A 212 -13.05 -7.35 12.30
N SER A 213 -14.11 -6.57 12.11
CA SER A 213 -15.11 -6.74 11.03
C SER A 213 -14.63 -6.56 9.61
N LEU A 214 -13.89 -5.47 9.40
CA LEU A 214 -13.57 -5.06 8.04
C LEU A 214 -12.77 -6.15 7.35
N PRO A 215 -12.97 -6.32 6.05
CA PRO A 215 -12.07 -7.23 5.39
C PRO A 215 -10.58 -6.76 5.53
N LYS A 216 -9.70 -7.73 5.70
CA LYS A 216 -8.27 -7.56 5.54
C LYS A 216 -7.74 -7.98 4.15
N SER A 217 -8.44 -8.88 3.46
CA SER A 217 -7.96 -9.38 2.17
C SER A 217 -9.11 -9.33 1.20
N ILE A 218 -8.83 -9.33 -0.09
CA ILE A 218 -9.94 -9.17 -0.99
C ILE A 218 -10.61 -10.56 -1.13
N PHE A 219 -9.84 -11.61 -0.82
CA PHE A 219 -10.37 -12.95 -0.81
C PHE A 219 -11.37 -13.30 0.31
N GLU A 220 -11.87 -12.28 1.02
CA GLU A 220 -12.89 -12.48 2.04
C GLU A 220 -14.25 -12.10 1.47
N ILE A 221 -14.26 -11.87 0.15
CA ILE A 221 -15.33 -11.18 -0.55
C ILE A 221 -15.80 -12.09 -1.63
N PRO A 222 -17.10 -12.37 -1.67
CA PRO A 222 -17.68 -13.32 -2.62
C PRO A 222 -17.27 -12.94 -4.04
N ASP A 223 -16.68 -13.88 -4.76
CA ASP A 223 -16.38 -13.75 -6.22
C ASP A 223 -15.03 -13.11 -6.58
N ALA A 224 -14.34 -12.64 -5.54
CA ALA A 224 -13.06 -12.02 -5.74
C ALA A 224 -12.17 -12.99 -6.52
N ARG A 225 -12.36 -14.30 -6.40
CA ARG A 225 -11.42 -15.19 -7.09
C ARG A 225 -11.60 -15.35 -8.58
N PHE A 226 -12.54 -14.62 -9.15
CA PHE A 226 -12.74 -14.82 -10.54
C PHE A 226 -12.29 -13.54 -11.17
N CYS A 227 -11.87 -12.55 -10.34
CA CYS A 227 -11.34 -11.32 -10.94
C CYS A 227 -10.24 -10.49 -10.24
N ALA A 228 -9.45 -11.09 -9.37
CA ALA A 228 -8.61 -10.30 -8.46
C ALA A 228 -7.32 -10.98 -8.04
N ILE A 229 -6.29 -10.13 -7.90
CA ILE A 229 -5.01 -10.55 -7.40
C ILE A 229 -4.74 -9.65 -6.21
N GLU A 230 -3.94 -10.11 -5.26
CA GLU A 230 -3.60 -9.26 -4.12
C GLU A 230 -2.09 -9.22 -4.07
N ILE A 231 -1.54 -8.06 -3.69
CA ILE A 231 -0.10 -7.97 -3.32
C ILE A 231 -0.03 -7.37 -1.97
N ASN A 232 1.03 -7.72 -1.24
CA ASN A 232 1.18 -7.36 0.15
C ASN A 232 2.64 -7.57 0.53
N SER A 233 3.04 -6.99 1.66
CA SER A 233 4.42 -7.15 2.17
C SER A 233 4.50 -7.01 3.67
N PHE A 234 5.69 -7.30 4.18
CA PHE A 234 6.01 -6.86 5.55
C PHE A 234 6.39 -5.37 5.58
N SER A 235 7.65 -5.06 5.24
CA SER A 235 8.22 -3.70 5.30
C SER A 235 7.56 -2.71 6.34
N PRO A 237 4.85 -3.07 8.77
CA PRO A 237 3.79 -3.39 9.74
C PRO A 237 3.78 -2.74 11.16
N LEU A 238 4.85 -2.09 11.68
CA LEU A 238 6.24 -2.09 11.18
C LEU A 238 6.91 -3.12 12.08
N GLY A 239 8.22 -2.92 12.33
CA GLY A 239 9.09 -3.89 13.00
C GLY A 239 10.01 -4.68 12.07
N PHE A 240 10.06 -4.30 10.79
CA PHE A 240 10.57 -5.21 9.79
C PHE A 240 11.64 -4.63 8.91
N ALA A 241 12.42 -3.70 9.46
CA ALA A 241 13.42 -2.94 8.71
C ALA A 241 14.53 -3.86 8.24
N GLY A 242 14.89 -3.79 6.94
CA GLY A 242 15.89 -4.68 6.31
C GLY A 242 15.41 -6.06 5.89
N ILE A 243 14.10 -6.21 5.76
CA ILE A 243 13.51 -7.45 5.24
C ILE A 243 13.01 -7.15 3.80
N ARG A 244 13.82 -7.49 2.79
CA ARG A 244 13.40 -7.39 1.38
C ARG A 244 12.43 -8.56 1.07
N LEU A 245 11.14 -8.36 1.36
CA LEU A 245 10.12 -9.47 1.34
C LEU A 245 8.67 -9.06 1.11
N GLY A 246 8.08 -9.53 0.04
CA GLY A 246 6.63 -9.43 -0.15
C GLY A 246 6.04 -10.70 -0.75
N TRP A 247 4.75 -10.65 -1.02
CA TRP A 247 4.11 -11.79 -1.69
C TRP A 247 3.00 -11.35 -2.60
N THR A 248 2.79 -12.14 -3.65
CA THR A 248 1.63 -11.98 -4.47
C THR A 248 0.60 -13.17 -4.35
N VAL A 249 -0.70 -12.90 -4.40
CA VAL A 249 -1.71 -13.97 -4.42
C VAL A 249 -2.53 -14.00 -5.75
N ILE A 250 -2.44 -15.14 -6.42
CA ILE A 250 -3.23 -15.49 -7.59
C ILE A 250 -4.17 -16.69 -7.26
N PRO A 251 -5.50 -16.48 -7.21
CA PRO A 251 -6.51 -17.54 -7.15
C PRO A 251 -6.38 -18.64 -8.21
N GLN A 252 -6.66 -19.92 -7.86
CA GLN A 252 -6.63 -21.04 -8.86
C GLN A 252 -7.64 -20.88 -10.00
N GLU A 253 -8.67 -20.10 -9.70
CA GLU A 253 -9.85 -19.96 -10.49
C GLU A 253 -9.74 -18.85 -11.47
N LEU A 254 -8.67 -18.08 -11.39
CA LEU A 254 -8.68 -16.83 -12.11
C LEU A 254 -8.24 -17.11 -13.51
N THR A 255 -8.92 -16.48 -14.45
CA THR A 255 -8.90 -16.93 -15.84
C THR A 255 -8.78 -15.80 -16.85
N TYR A 256 -8.03 -15.96 -17.93
CA TYR A 256 -8.06 -14.91 -18.98
C TYR A 256 -9.35 -15.04 -19.78
N ALA A 257 -9.59 -14.07 -20.65
CA ALA A 257 -10.73 -14.09 -21.55
C ALA A 257 -10.91 -15.49 -22.20
N ASP A 258 -9.85 -16.15 -22.57
CA ASP A 258 -9.98 -17.38 -23.30
C ASP A 258 -10.05 -18.62 -22.41
N GLY A 259 -10.34 -18.43 -21.13
CA GLY A 259 -10.35 -19.57 -20.21
C GLY A 259 -9.03 -20.14 -19.73
N HIS A 260 -7.88 -19.68 -20.23
CA HIS A 260 -6.60 -19.98 -19.55
C HIS A 260 -6.44 -19.46 -18.12
N PHE A 261 -5.68 -20.22 -17.34
CA PHE A 261 -5.45 -19.88 -15.97
C PHE A 261 -4.28 -18.95 -15.79
N VAL A 262 -4.60 -17.78 -15.24
CA VAL A 262 -3.61 -16.86 -14.81
C VAL A 262 -2.51 -17.52 -13.97
N ILE A 263 -2.86 -18.21 -12.89
CA ILE A 263 -1.87 -18.80 -12.01
C ILE A 263 -0.82 -19.54 -12.81
N GLN A 264 -1.17 -20.09 -13.95
CA GLN A 264 -0.21 -20.93 -14.67
C GLN A 264 0.81 -20.12 -15.45
N ASP A 265 0.33 -19.11 -16.17
CA ASP A 265 1.20 -18.16 -16.81
C ASP A 265 2.13 -17.53 -15.75
N TRP A 266 1.57 -17.14 -14.61
CA TRP A 266 2.40 -16.58 -13.56
C TRP A 266 3.52 -17.50 -13.10
N GLU A 267 3.29 -18.79 -13.02
CA GLU A 267 4.40 -19.62 -12.60
C GLU A 267 5.55 -19.59 -13.60
N ARG A 268 5.29 -19.83 -14.88
CA ARG A 268 6.26 -19.71 -15.98
C ARG A 268 7.02 -18.36 -15.87
N PHE A 269 6.25 -17.28 -15.95
CA PHE A 269 6.81 -15.94 -15.84
C PHE A 269 7.81 -15.81 -14.70
N LEU A 270 7.35 -16.08 -13.48
CA LEU A 270 8.21 -16.02 -12.32
C LEU A 270 9.46 -16.85 -12.44
N SER A 271 9.37 -18.06 -13.02
CA SER A 271 10.55 -18.94 -13.08
C SER A 271 11.68 -18.37 -13.94
N THR A 272 11.25 -17.60 -14.94
CA THR A 272 12.08 -17.02 -15.94
C THR A 272 12.75 -15.72 -15.50
N THR A 273 12.20 -15.01 -14.52
CA THR A 273 12.62 -13.65 -14.26
C THR A 273 12.91 -13.37 -12.78
N PHE A 274 12.84 -14.42 -11.97
CA PHE A 274 13.07 -14.23 -10.56
C PHE A 274 13.76 -15.44 -10.06
N ASN A 275 14.52 -15.27 -8.99
CA ASN A 275 15.19 -16.40 -8.37
C ASN A 275 14.80 -16.43 -6.89
N GLY A 276 13.61 -15.91 -6.58
CA GLY A 276 13.10 -15.93 -5.21
C GLY A 276 13.58 -14.90 -4.18
N ALA A 277 12.83 -14.72 -3.12
CA ALA A 277 13.31 -13.98 -2.00
C ALA A 277 14.48 -14.67 -1.36
N SER A 278 15.22 -13.88 -0.63
CA SER A 278 16.26 -14.42 0.19
C SER A 278 15.64 -15.47 1.15
N ILE A 279 16.28 -16.63 1.30
CA ILE A 279 15.80 -17.54 2.33
C ILE A 279 15.97 -17.09 3.78
N PRO A 280 17.05 -16.41 4.11
CA PRO A 280 17.06 -15.93 5.50
C PRO A 280 15.95 -14.93 5.78
N ALA A 281 15.61 -14.14 4.79
CA ALA A 281 14.53 -13.16 5.03
C ALA A 281 13.15 -13.89 5.17
N GLN A 282 13.03 -15.01 4.44
CA GLN A 282 11.88 -15.89 4.48
C GLN A 282 11.71 -16.53 5.84
N GLU A 283 12.78 -17.19 6.28
CA GLU A 283 12.91 -17.66 7.65
C GLU A 283 12.50 -16.56 8.65
N ALA A 284 12.90 -15.32 8.36
CA ALA A 284 12.64 -14.21 9.24
C ALA A 284 11.18 -13.77 9.21
N GLY A 285 10.53 -13.92 8.05
CA GLY A 285 9.10 -13.63 7.93
C GLY A 285 8.25 -14.54 8.85
N VAL A 286 8.49 -15.85 8.73
CA VAL A 286 7.91 -16.83 9.61
C VAL A 286 7.94 -16.36 11.06
N ALA A 287 9.10 -16.02 11.61
CA ALA A 287 9.06 -15.57 13.00
C ALA A 287 8.21 -14.32 13.14
N GLY A 288 8.24 -13.48 12.11
CA GLY A 288 7.49 -12.24 12.17
C GLY A 288 6.01 -12.54 12.21
N LEU A 289 5.55 -13.52 11.45
CA LEU A 289 4.12 -13.88 11.51
C LEU A 289 3.73 -14.23 12.94
N SER A 290 4.57 -15.04 13.61
CA SER A 290 4.31 -15.37 15.02
C SER A 290 4.04 -14.15 15.88
N ILE A 291 4.99 -13.26 15.99
CA ILE A 291 4.73 -12.13 16.89
C ILE A 291 3.79 -11.11 16.26
N LEU A 292 3.42 -11.32 15.00
CA LEU A 292 2.65 -10.31 14.26
C LEU A 292 1.48 -9.67 15.00
N PRO A 293 0.47 -10.49 15.39
CA PRO A 293 -0.62 -9.86 16.13
C PRO A 293 -0.22 -9.83 17.60
N GLN A 294 0.51 -8.78 17.96
CA GLN A 294 0.82 -8.42 19.34
C GLN A 294 1.10 -6.94 19.22
N LEU A 295 2.35 -6.70 18.83
CA LEU A 295 2.90 -5.40 18.49
C LEU A 295 1.97 -4.23 18.81
N GLU A 296 2.19 -3.69 20.01
CA GLU A 296 1.87 -2.29 20.30
C GLU A 296 2.73 -1.45 19.34
N ALA A 297 3.77 -2.08 18.81
CA ALA A 297 4.63 -1.55 17.76
C ALA A 297 3.79 -1.05 16.58
N ILE A 298 2.48 -1.17 16.73
CA ILE A 298 1.49 -0.58 15.84
C ILE A 298 0.38 0.10 16.67
N HIS A 299 0.15 -0.37 17.90
CA HIS A 299 -0.75 0.33 18.83
C HIS A 299 -0.15 1.72 19.14
N TYR A 300 1.18 1.77 19.26
CA TYR A 300 2.04 3.00 19.24
C TYR A 300 1.62 4.06 18.18
N TYR A 301 1.45 3.61 16.93
CA TYR A 301 0.98 4.50 15.89
C TYR A 301 -0.48 4.79 15.95
N ARG A 302 -1.30 3.77 16.17
CA ARG A 302 -2.71 4.03 16.36
C ARG A 302 -2.79 5.21 17.33
N GLU A 303 -1.89 5.25 18.31
CA GLU A 303 -1.86 6.35 19.29
C GLU A 303 -1.56 7.70 18.65
N ASN A 304 -0.42 7.80 17.98
CA ASN A 304 -0.13 8.99 17.18
C ASN A 304 -1.37 9.46 16.44
N SER A 305 -2.05 8.55 15.74
CA SER A 305 -3.20 8.96 14.96
C SER A 305 -4.31 9.52 15.80
N ASP A 306 -4.63 8.87 16.90
CA ASP A 306 -5.62 9.41 17.82
C ASP A 306 -5.22 10.83 18.19
N LEU A 307 -3.99 10.92 18.70
CA LEU A 307 -3.40 12.17 19.12
C LEU A 307 -3.59 13.25 18.08
N LEU A 308 -2.96 13.10 16.92
CA LEU A 308 -3.21 14.05 15.85
C LEU A 308 -4.69 14.34 15.67
N ARG A 309 -5.50 13.29 15.52
CA ARG A 309 -6.89 13.52 15.15
C ARG A 309 -7.54 14.54 16.07
N LYS A 310 -7.48 14.30 17.37
CA LYS A 310 -8.19 15.19 18.27
C LYS A 310 -7.55 16.60 18.25
N ALA A 311 -6.22 16.65 18.21
CA ALA A 311 -5.58 17.94 18.08
C ALA A 311 -6.22 18.65 16.89
N LEU A 312 -6.29 17.94 15.75
CA LEU A 312 -6.82 18.50 14.50
C LEU A 312 -8.28 18.94 14.59
N LEU A 313 -9.12 18.09 15.16
CA LEU A 313 -10.52 18.43 15.37
C LEU A 313 -10.68 19.59 16.36
N ALA A 314 -9.93 19.55 17.46
CA ALA A 314 -9.91 20.67 18.42
C ALA A 314 -9.55 22.00 17.74
N THR A 315 -8.51 21.98 16.90
CA THR A 315 -8.05 23.19 16.20
C THR A 315 -8.87 23.49 14.91
N GLY A 316 -10.11 22.96 14.84
CA GLY A 316 -11.08 23.30 13.77
C GLY A 316 -11.14 22.51 12.46
N PHE A 317 -10.28 21.50 12.30
CA PHE A 317 -10.12 20.81 11.00
C PHE A 317 -11.09 19.66 10.75
N GLU A 318 -11.24 19.28 9.48
CA GLU A 318 -11.92 18.03 9.07
C GLU A 318 -10.94 16.84 8.90
N VAL A 319 -11.06 15.86 9.80
CA VAL A 319 -10.08 14.76 9.83
C VAL A 319 -10.66 13.45 9.32
N PHE A 320 -9.99 12.89 8.30
CA PHE A 320 -10.34 11.56 7.75
C PHE A 320 -9.15 10.57 7.78
N GLY A 321 -9.43 9.30 8.07
CA GLY A 321 -8.43 8.23 8.01
C GLY A 321 -7.92 7.89 9.38
N GLY A 322 -6.67 7.47 9.49
CA GLY A 322 -6.03 7.32 10.78
C GLY A 322 -6.40 6.19 11.74
N GLU A 323 -7.51 5.51 11.54
CA GLU A 323 -7.73 4.33 12.40
C GLU A 323 -7.17 3.05 11.84
N HIS A 324 -7.15 2.90 10.52
CA HIS A 324 -6.71 1.64 9.93
C HIS A 324 -5.55 1.76 9.00
N ALA A 325 -4.83 2.86 9.14
CA ALA A 325 -3.59 3.11 8.41
C ALA A 325 -2.91 4.34 9.04
N PRO A 326 -1.62 4.54 8.74
CA PRO A 326 -0.85 5.59 9.40
C PRO A 326 -0.96 6.91 8.65
N TYR A 327 -2.14 7.17 8.10
CA TYR A 327 -2.40 8.34 7.30
C TYR A 327 -3.63 9.04 7.76
N LEU A 328 -3.44 10.34 8.05
CA LEU A 328 -4.56 11.25 8.33
C LEU A 328 -4.73 12.12 7.11
N TRP A 329 -5.97 12.23 6.66
CA TRP A 329 -6.35 12.98 5.44
C TRP A 329 -7.16 14.17 5.94
N VAL A 330 -6.58 15.35 5.75
CA VAL A 330 -7.04 16.48 6.50
C VAL A 330 -7.37 17.67 5.60
N LYS A 331 -8.64 18.10 5.76
CA LYS A 331 -9.18 19.32 5.12
C LYS A 331 -9.31 20.53 6.09
N PRO A 332 -8.65 21.67 5.70
CA PRO A 332 -8.72 23.01 6.33
C PRO A 332 -10.02 23.74 5.98
N ASP A 339 -3.78 25.83 -5.17
CA ASP A 339 -3.61 24.75 -4.15
C ASP A 339 -2.28 24.81 -3.44
N ARG A 340 -1.27 25.40 -4.09
CA ARG A 340 0.03 25.65 -3.46
C ARG A 340 -0.05 26.50 -2.17
N ASP A 341 -1.28 26.93 -1.82
CA ASP A 341 -1.56 27.53 -0.50
C ASP A 341 -1.09 26.62 0.66
N LEU A 342 -1.00 25.32 0.40
CA LEU A 342 -1.02 24.32 1.47
C LEU A 342 0.32 23.95 2.09
N PHE A 343 1.30 23.61 1.26
CA PHE A 343 2.57 23.14 1.79
C PHE A 343 3.15 24.22 2.62
N ASP A 344 3.39 25.36 1.99
CA ASP A 344 4.00 26.50 2.65
C ASP A 344 3.16 27.08 3.76
N PHE A 345 1.84 26.92 3.73
CA PHE A 345 1.05 27.37 4.86
C PHE A 345 1.40 26.60 6.13
N PHE A 346 1.51 25.27 6.04
CA PHE A 346 1.61 24.43 7.24
C PHE A 346 2.96 24.55 7.92
N LEU A 347 3.97 24.64 7.06
CA LEU A 347 5.33 24.88 7.46
C LEU A 347 5.46 26.18 8.27
N ARG A 348 4.95 27.27 7.69
CA ARG A 348 4.94 28.61 8.31
C ARG A 348 3.99 28.68 9.53
N GLU A 349 2.69 28.43 9.35
CA GLU A 349 1.72 28.64 10.44
C GLU A 349 1.85 27.66 11.61
N TYR A 350 2.50 26.52 11.42
CA TYR A 350 2.53 25.48 12.48
C TYR A 350 3.89 24.79 12.70
N HIS A 351 4.83 25.03 11.78
CA HIS A 351 6.10 24.30 11.71
C HIS A 351 5.92 22.79 11.65
N ILE A 352 5.01 22.37 10.76
CA ILE A 352 4.75 20.97 10.43
C ILE A 352 4.81 20.78 8.94
N ALA A 353 5.78 20.02 8.45
CA ALA A 353 5.74 19.56 7.07
C ALA A 353 4.70 18.44 6.92
N ILE A 354 3.99 18.49 5.80
CA ILE A 354 2.98 17.53 5.41
C ILE A 354 3.18 17.25 3.92
N THR A 355 2.27 16.49 3.33
CA THR A 355 2.30 16.23 1.91
C THR A 355 0.96 16.75 1.45
N PRO A 356 0.95 17.60 0.42
CA PRO A 356 -0.35 18.17 0.11
C PRO A 356 -1.13 17.26 -0.84
N GLY A 357 -2.43 17.13 -0.56
CA GLY A 357 -3.32 16.22 -1.31
C GLY A 357 -3.11 16.18 -2.82
N ILE A 358 -3.28 17.33 -3.44
CA ILE A 358 -3.17 17.49 -4.89
C ILE A 358 -1.90 16.89 -5.47
N GLY A 359 -0.96 16.48 -4.62
CA GLY A 359 0.29 15.85 -5.06
C GLY A 359 0.00 14.44 -5.50
N PHE A 360 -0.82 13.74 -4.72
CA PHE A 360 -1.31 12.40 -5.06
C PHE A 360 -2.38 12.41 -6.13
N GLY A 361 -2.72 13.58 -6.66
CA GLY A 361 -3.74 13.66 -7.69
C GLY A 361 -4.90 14.63 -7.56
N ARG A 362 -5.56 14.76 -8.69
CA ARG A 362 -6.46 15.85 -8.98
C ARG A 362 -7.62 15.97 -8.00
N SER A 363 -8.23 14.85 -7.61
CA SER A 363 -9.18 14.87 -6.51
C SER A 363 -8.49 14.83 -5.15
N GLY A 364 -7.19 15.17 -5.13
CA GLY A 364 -6.49 15.46 -3.86
C GLY A 364 -6.76 16.87 -3.35
N SER A 365 -7.11 17.75 -4.30
CA SER A 365 -7.31 19.17 -4.07
C SER A 365 -7.99 19.52 -2.74
N GLY A 366 -7.36 20.34 -1.92
CA GLY A 366 -7.99 20.82 -0.66
C GLY A 366 -7.68 19.99 0.58
N PHE A 367 -6.80 19.01 0.41
CA PHE A 367 -6.50 18.11 1.47
C PHE A 367 -5.03 18.02 1.64
N VAL A 368 -4.69 17.58 2.83
CA VAL A 368 -3.34 17.34 3.20
C VAL A 368 -3.22 15.92 3.77
N ARG A 369 -2.13 15.24 3.43
CA ARG A 369 -1.78 14.00 4.11
C ARG A 369 -0.79 14.15 5.26
N PHE A 370 -1.29 13.98 6.46
CA PHE A 370 -0.39 13.74 7.57
C PHE A 370 0.02 12.29 7.65
N SER A 371 1.29 12.05 7.91
CA SER A 371 1.80 10.72 8.22
C SER A 371 2.01 10.49 9.70
N SER A 372 1.55 9.34 10.20
CA SER A 372 1.51 9.06 11.63
C SER A 372 2.77 8.28 12.06
N LEU A 373 3.66 8.01 11.10
CA LEU A 373 4.81 7.12 11.26
C LEU A 373 6.04 7.83 11.77
N GLY A 374 5.96 8.33 13.01
CA GLY A 374 7.08 9.05 13.61
C GLY A 374 7.22 8.85 15.11
N LYS A 375 8.21 9.53 15.69
CA LYS A 375 8.45 9.48 17.12
C LYS A 375 7.34 10.20 17.87
N ARG A 376 6.93 9.65 19.00
CA ARG A 376 5.87 10.25 19.80
C ARG A 376 6.18 11.68 20.20
N GLU A 377 7.47 11.95 20.46
CA GLU A 377 7.94 13.28 20.82
C GLU A 377 7.38 14.33 19.88
N ASP A 378 7.66 14.16 18.59
CA ASP A 378 7.28 15.08 17.52
C ASP A 378 5.79 15.11 17.32
N ILE A 379 5.15 13.96 17.46
CA ILE A 379 3.70 13.90 17.36
C ILE A 379 3.10 14.85 18.38
N LEU A 380 3.62 14.77 19.60
CA LEU A 380 3.16 15.63 20.69
C LEU A 380 3.46 17.10 20.46
N ALA A 381 4.66 17.37 19.97
CA ALA A 381 5.08 18.73 19.63
C ALA A 381 4.13 19.37 18.61
N ALA A 382 3.75 18.59 17.60
CA ALA A 382 2.85 19.05 16.58
C ALA A 382 1.48 19.33 17.16
N CYS A 383 1.04 18.47 18.06
CA CYS A 383 -0.29 18.62 18.61
C CYS A 383 -0.40 19.90 19.42
N GLU A 384 0.77 20.34 19.90
CA GLU A 384 0.93 21.55 20.71
C GLU A 384 0.71 22.76 19.80
N ARG A 385 1.53 22.88 18.76
CA ARG A 385 1.40 23.95 17.77
C ARG A 385 0.00 24.04 17.12
N LEU A 386 -1.04 23.77 17.92
CA LEU A 386 -2.43 23.71 17.47
C LEU A 386 -3.33 24.21 18.61
N GLN A 387 -2.84 25.26 19.29
CA GLN A 387 -3.44 25.80 20.52
C GLN A 387 -3.86 27.27 20.41
N MET A 388 -3.00 28.17 20.89
CA MET A 388 -3.07 29.67 20.75
C MET A 388 -4.48 30.29 20.70
#